data_5I47
#
_entry.id   5I47
#
_cell.length_a   62.641
_cell.length_b   64.819
_cell.length_c   160.075
_cell.angle_alpha   90.000
_cell.angle_beta   90.000
_cell.angle_gamma   90.000
#
_symmetry.space_group_name_H-M   'P 21 21 21'
#
loop_
_entity.id
_entity.type
_entity.pdbx_description
1 polymer 'RimK domain protein ATP-grasp'
2 non-polymer GLYCEROL
3 water water
#
_entity_poly.entity_id   1
_entity_poly.type   'polypeptide(L)'
_entity_poly.pdbx_seq_one_letter_code
;SNA(MSE)ARVALLADRLRVEERLLIEAFAARGHEAVLVQPAKLALSPAAPSAGDFVAALDRGEATAERAVLAALLASGG
TPVVNRAATARLLADR(MSE)ALLRHLILADIPVPETRVCFGEEAIFAAIAEIGYPVVLKSLTVDPGFPVALVEDQDAAE
AIVEHRI(MSE)LGGERAVLVQQFIPARAGQSVRLVVAGRSLAGIEQRTHGGWRPGRDATYEAYTGDPAPLTALAERIIE
RLGTGTYAVEVVETGDGPVVVGVANLVDFRSLSGRGVDVAG(MSE)IADFVLG
;
_entity_poly.pdbx_strand_id   A,B
#
loop_
_chem_comp.id
_chem_comp.type
_chem_comp.name
_chem_comp.formula
GOL non-polymer GLYCEROL 'C3 H8 O3'
#
# COMPACT_ATOMS: atom_id res chain seq x y z
N ALA A 5 30.24 -9.04 -10.93
CA ALA A 5 30.12 -7.78 -10.22
C ALA A 5 29.36 -6.75 -11.07
N ARG A 6 28.05 -6.90 -11.15
CA ARG A 6 27.20 -6.01 -11.94
C ARG A 6 26.10 -5.44 -11.06
N VAL A 7 25.73 -4.19 -11.35
CA VAL A 7 24.71 -3.47 -10.60
C VAL A 7 23.53 -3.21 -11.53
N ALA A 8 22.32 -3.43 -11.04
CA ALA A 8 21.12 -3.26 -11.83
C ALA A 8 20.61 -1.83 -11.68
N LEU A 9 20.40 -1.15 -12.80
CA LEU A 9 19.78 0.18 -12.82
C LEU A 9 18.32 -0.01 -13.21
N LEU A 10 17.44 -0.02 -12.21
CA LEU A 10 16.01 -0.23 -12.44
C LEU A 10 15.42 1.04 -13.04
N ALA A 11 15.21 1.03 -14.35
CA ALA A 11 14.72 2.20 -15.06
C ALA A 11 14.18 1.77 -16.42
N ASP A 12 13.34 2.61 -17.00
CA ASP A 12 12.82 2.33 -18.33
C ASP A 12 13.84 2.67 -19.41
N ARG A 13 14.66 3.69 -19.19
CA ARG A 13 15.63 4.12 -20.20
C ARG A 13 16.80 4.81 -19.51
N LEU A 14 17.92 4.89 -20.23
CA LEU A 14 19.11 5.58 -19.74
C LEU A 14 19.00 7.07 -20.07
N ARG A 15 19.06 7.91 -19.05
CA ARG A 15 19.17 9.35 -19.21
C ARG A 15 20.57 9.79 -18.78
N VAL A 16 20.78 11.10 -18.69
CA VAL A 16 22.09 11.61 -18.28
C VAL A 16 22.46 11.11 -16.89
N GLU A 17 21.49 11.05 -15.98
CA GLU A 17 21.78 10.59 -14.63
C GLU A 17 22.25 9.14 -14.63
N GLU A 18 21.61 8.28 -15.41
CA GLU A 18 22.05 6.89 -15.48
C GLU A 18 23.40 6.76 -16.15
N ARG A 19 23.70 7.66 -17.10
CA ARG A 19 25.01 7.63 -17.74
C ARG A 19 26.10 8.02 -16.75
N LEU A 20 25.85 9.07 -15.95
CA LEU A 20 26.78 9.43 -14.88
C LEU A 20 26.97 8.30 -13.89
N LEU A 21 25.92 7.52 -13.64
CA LEU A 21 26.02 6.42 -12.69
C LEU A 21 26.81 5.26 -13.27
N ILE A 22 26.64 4.99 -14.56
CA ILE A 22 27.39 3.91 -15.20
C ILE A 22 28.88 4.18 -15.11
N GLU A 23 29.29 5.43 -15.35
CA GLU A 23 30.71 5.79 -15.24
C GLU A 23 31.19 5.71 -13.80
N ALA A 24 30.38 6.17 -12.85
CA ALA A 24 30.78 6.11 -11.45
C ALA A 24 31.01 4.68 -10.99
N PHE A 25 30.12 3.76 -11.38
CA PHE A 25 30.33 2.36 -11.06
C PHE A 25 31.52 1.78 -11.82
N ALA A 26 31.69 2.17 -13.08
CA ALA A 26 32.85 1.72 -13.85
C ALA A 26 34.15 2.17 -13.22
N ALA A 27 34.22 3.45 -12.78
CA ALA A 27 35.39 3.94 -12.07
C ALA A 27 35.64 3.14 -10.79
N ARG A 28 34.64 2.42 -10.29
CA ARG A 28 34.75 1.59 -9.10
C ARG A 28 34.76 0.11 -9.44
N GLY A 29 35.06 -0.24 -10.70
CA GLY A 29 35.22 -1.64 -11.07
C GLY A 29 33.95 -2.44 -11.18
N HIS A 30 32.81 -1.80 -11.45
CA HIS A 30 31.54 -2.49 -11.57
C HIS A 30 30.83 -2.05 -12.84
N GLU A 31 30.09 -2.98 -13.43
CA GLU A 31 29.31 -2.73 -14.64
C GLU A 31 27.86 -2.50 -14.25
N ALA A 32 27.37 -1.28 -14.44
CA ALA A 32 25.97 -0.96 -14.20
C ALA A 32 25.17 -1.23 -15.47
N VAL A 33 24.10 -2.00 -15.33
CA VAL A 33 23.32 -2.50 -16.46
C VAL A 33 21.88 -2.02 -16.32
N LEU A 34 21.32 -1.49 -17.41
CA LEU A 34 19.91 -1.09 -17.40
C LEU A 34 19.02 -2.32 -17.28
N VAL A 35 18.16 -2.33 -16.27
CA VAL A 35 17.21 -3.41 -16.04
C VAL A 35 15.82 -2.79 -16.01
N GLN A 36 15.06 -3.01 -17.07
CA GLN A 36 13.75 -2.42 -17.19
C GLN A 36 12.75 -3.21 -16.35
N PRO A 37 12.07 -2.59 -15.38
CA PRO A 37 11.12 -3.35 -14.56
C PRO A 37 9.99 -3.99 -15.35
N ALA A 38 9.65 -3.47 -16.53
CA ALA A 38 8.56 -4.02 -17.31
C ALA A 38 8.78 -5.47 -17.69
N LYS A 39 10.03 -5.91 -17.76
CA LYS A 39 10.36 -7.29 -18.12
C LYS A 39 10.50 -8.21 -16.92
N LEU A 40 10.34 -7.68 -15.70
CA LEU A 40 10.60 -8.45 -14.48
C LEU A 40 9.35 -9.21 -14.07
N ALA A 41 9.41 -10.54 -14.16
CA ALA A 41 8.37 -11.44 -13.67
C ALA A 41 9.00 -12.28 -12.57
N LEU A 42 8.84 -11.86 -11.31
CA LEU A 42 9.57 -12.43 -10.19
C LEU A 42 8.76 -13.52 -9.52
N SER A 43 9.43 -14.61 -9.16
CA SER A 43 8.81 -15.64 -8.36
C SER A 43 8.84 -15.25 -6.89
N PRO A 44 7.69 -15.23 -6.19
CA PRO A 44 7.70 -14.81 -4.79
C PRO A 44 8.52 -15.70 -3.88
N ALA A 45 8.66 -16.98 -4.23
CA ALA A 45 9.44 -17.89 -3.39
C ALA A 45 10.88 -17.41 -3.26
N ALA A 46 11.55 -17.20 -4.39
CA ALA A 46 12.92 -16.67 -4.41
C ALA A 46 13.06 -15.72 -5.60
N PRO A 47 12.76 -14.44 -5.41
CA PRO A 47 12.82 -13.50 -6.54
C PRO A 47 14.23 -13.10 -6.91
N SER A 48 14.42 -12.83 -8.20
CA SER A 48 15.73 -12.48 -8.74
C SER A 48 15.54 -11.79 -10.08
N ALA A 49 16.31 -10.72 -10.30
CA ALA A 49 16.28 -9.99 -11.56
C ALA A 49 17.52 -10.29 -12.40
N GLY A 50 18.24 -11.36 -12.08
CA GLY A 50 19.52 -11.64 -12.68
C GLY A 50 20.63 -11.63 -11.64
N ASP A 51 21.84 -11.89 -12.12
CA ASP A 51 23.01 -11.94 -11.24
C ASP A 51 23.52 -10.52 -11.05
N PHE A 52 23.18 -9.91 -9.92
CA PHE A 52 23.56 -8.54 -9.61
C PHE A 52 23.94 -8.44 -8.14
N VAL A 53 25.00 -7.69 -7.86
CA VAL A 53 25.39 -7.45 -6.48
C VAL A 53 24.43 -6.50 -5.79
N ALA A 54 23.75 -5.66 -6.55
CA ALA A 54 22.82 -4.69 -5.99
C ALA A 54 21.95 -4.16 -7.10
N ALA A 55 20.79 -3.61 -6.72
CA ALA A 55 19.93 -2.88 -7.63
C ALA A 55 19.74 -1.46 -7.12
N LEU A 56 19.72 -0.51 -8.05
CA LEU A 56 19.51 0.90 -7.73
C LEU A 56 18.27 1.37 -8.47
N ASP A 57 17.22 1.72 -7.72
CA ASP A 57 15.96 2.14 -8.33
C ASP A 57 16.08 3.58 -8.81
N ARG A 58 15.88 3.78 -10.11
CA ARG A 58 16.01 5.08 -10.75
C ARG A 58 14.68 5.71 -11.12
N GLY A 59 13.56 5.07 -10.78
CA GLY A 59 12.25 5.56 -11.14
C GLY A 59 11.54 6.28 -10.00
N GLU A 60 10.36 6.81 -10.33
CA GLU A 60 9.53 7.46 -9.33
C GLU A 60 9.12 6.47 -8.26
N ALA A 61 9.15 6.91 -7.01
CA ALA A 61 8.82 6.05 -5.87
C ALA A 61 7.31 5.86 -5.81
N THR A 62 6.85 4.63 -6.05
CA THR A 62 5.46 4.26 -5.86
C THR A 62 5.39 2.98 -5.04
N ALA A 63 4.17 2.61 -4.65
CA ALA A 63 3.98 1.39 -3.86
C ALA A 63 4.53 0.16 -4.57
N GLU A 64 4.43 0.11 -5.91
CA GLU A 64 5.00 -1.01 -6.66
C GLU A 64 6.52 -1.05 -6.50
N ARG A 65 7.15 0.12 -6.46
CA ARG A 65 8.60 0.16 -6.29
C ARG A 65 9.03 -0.25 -4.89
N ALA A 66 8.23 0.10 -3.88
CA ALA A 66 8.54 -0.38 -2.53
C ALA A 66 8.42 -1.88 -2.45
N VAL A 67 7.40 -2.45 -3.09
CA VAL A 67 7.25 -3.89 -3.21
C VAL A 67 8.45 -4.49 -3.94
N LEU A 68 8.84 -3.88 -5.06
CA LEU A 68 9.96 -4.40 -5.84
C LEU A 68 11.25 -4.38 -5.02
N ALA A 69 11.44 -3.35 -4.20
CA ALA A 69 12.62 -3.30 -3.33
C ALA A 69 12.60 -4.43 -2.32
N ALA A 70 11.44 -4.65 -1.67
CA ALA A 70 11.32 -5.73 -0.71
C ALA A 70 11.48 -7.09 -1.37
N LEU A 71 10.93 -7.24 -2.58
CA LEU A 71 11.04 -8.51 -3.29
C LEU A 71 12.49 -8.86 -3.58
N LEU A 72 13.18 -8.00 -4.35
CA LEU A 72 14.55 -8.30 -4.76
C LEU A 72 15.48 -8.48 -3.56
N ALA A 73 15.26 -7.70 -2.50
CA ALA A 73 16.07 -7.89 -1.30
C ALA A 73 15.82 -9.25 -0.66
N SER A 74 14.58 -9.75 -0.73
CA SER A 74 14.27 -11.06 -0.15
C SER A 74 15.06 -12.18 -0.80
N GLY A 75 15.37 -12.05 -2.09
CA GLY A 75 16.11 -13.06 -2.81
C GLY A 75 17.60 -12.89 -2.78
N GLY A 76 18.11 -11.89 -2.05
CA GLY A 76 19.54 -11.71 -1.91
C GLY A 76 20.14 -10.59 -2.73
N THR A 77 19.32 -9.77 -3.40
CA THR A 77 19.82 -8.62 -4.15
C THR A 77 19.48 -7.36 -3.38
N PRO A 78 20.45 -6.74 -2.70
CA PRO A 78 20.16 -5.48 -2.00
C PRO A 78 19.69 -4.41 -2.97
N VAL A 79 18.80 -3.56 -2.49
CA VAL A 79 18.20 -2.51 -3.32
C VAL A 79 18.41 -1.18 -2.64
N VAL A 80 18.75 -0.16 -3.43
CA VAL A 80 18.76 1.22 -2.98
C VAL A 80 17.73 1.95 -3.84
N ASN A 81 16.76 2.63 -3.23
CA ASN A 81 16.57 2.70 -1.78
C ASN A 81 16.09 1.38 -1.20
N ARG A 82 16.48 1.10 0.04
CA ARG A 82 15.97 -0.08 0.72
C ARG A 82 14.46 0.02 0.87
N ALA A 83 13.81 -1.14 1.05
CA ALA A 83 12.35 -1.20 0.99
C ALA A 83 11.71 -0.32 2.05
N ALA A 84 12.30 -0.28 3.26
CA ALA A 84 11.75 0.55 4.32
C ALA A 84 11.81 2.03 3.95
N THR A 85 12.92 2.46 3.35
CA THR A 85 13.03 3.85 2.89
C THR A 85 12.16 4.09 1.66
N ALA A 86 12.13 3.12 0.74
CA ALA A 86 11.24 3.24 -0.41
C ALA A 86 9.78 3.40 0.02
N ARG A 87 9.35 2.65 1.04
CA ARG A 87 7.96 2.73 1.46
C ARG A 87 7.60 4.14 1.94
N LEU A 88 8.49 4.80 2.67
CA LEU A 88 8.24 6.16 3.14
C LEU A 88 8.22 7.15 1.99
N LEU A 89 8.99 6.89 0.92
CA LEU A 89 8.91 7.75 -0.25
C LEU A 89 7.59 7.55 -0.98
N ALA A 90 7.01 6.35 -0.92
CA ALA A 90 5.77 6.05 -1.63
C ALA A 90 4.53 6.32 -0.79
N ASP A 91 4.62 6.17 0.52
CA ASP A 91 3.46 6.22 1.40
C ASP A 91 3.46 7.59 2.08
N ARG A 92 2.69 8.53 1.51
CA ARG A 92 2.58 9.86 2.09
C ARG A 92 2.02 9.81 3.51
N MSE A 93 1.15 8.85 3.80
CA MSE A 93 0.57 8.69 5.13
C MSE A 93 1.64 8.24 6.11
O MSE A 93 1.77 8.80 7.20
CB MSE A 93 -0.58 7.68 5.11
CG MSE A 93 -1.17 7.40 6.48
SE MSE A 93 -2.01 8.97 7.29
CE MSE A 93 -0.87 9.21 8.87
N ALA A 94 2.38 7.20 5.73
CA ALA A 94 3.46 6.73 6.58
C ALA A 94 4.53 7.80 6.77
N LEU A 95 4.85 8.54 5.70
CA LEU A 95 5.84 9.62 5.82
C LEU A 95 5.34 10.72 6.75
N LEU A 96 4.05 11.09 6.63
CA LEU A 96 3.47 12.10 7.51
C LEU A 96 3.58 11.70 8.97
N ARG A 97 3.11 10.49 9.31
CA ARG A 97 3.22 10.03 10.69
C ARG A 97 4.67 9.99 11.16
N HIS A 98 5.57 9.53 10.30
CA HIS A 98 6.96 9.35 10.71
C HIS A 98 7.64 10.68 11.00
N LEU A 99 7.37 11.70 10.20
CA LEU A 99 7.97 13.02 10.45
C LEU A 99 7.36 13.70 11.67
N ILE A 100 6.07 13.47 11.91
CA ILE A 100 5.41 14.04 13.09
C ILE A 100 6.05 13.53 14.37
N LEU A 101 6.37 12.24 14.42
CA LEU A 101 6.97 11.66 15.62
C LEU A 101 8.34 12.25 15.93
N ALA A 102 9.03 12.82 14.95
CA ALA A 102 10.34 13.40 15.16
C ALA A 102 10.30 14.91 15.35
N ASP A 103 9.11 15.48 15.50
CA ASP A 103 8.93 16.93 15.61
C ASP A 103 9.60 17.65 14.45
N ILE A 104 9.38 17.13 13.25
CA ILE A 104 9.82 17.76 12.01
C ILE A 104 8.62 18.50 11.43
N PRO A 105 8.68 19.80 11.22
CA PRO A 105 7.50 20.56 10.80
C PRO A 105 6.98 20.11 9.45
N VAL A 106 5.68 19.78 9.40
CA VAL A 106 4.98 19.46 8.17
C VAL A 106 3.72 20.30 8.12
N PRO A 107 3.14 20.51 6.93
CA PRO A 107 1.91 21.29 6.84
C PRO A 107 0.78 20.67 7.63
N GLU A 108 -0.22 21.49 7.95
CA GLU A 108 -1.41 20.99 8.62
C GLU A 108 -2.16 20.04 7.68
N THR A 109 -2.42 18.82 8.16
CA THR A 109 -2.98 17.77 7.33
C THR A 109 -4.14 17.10 8.02
N ARG A 110 -5.16 16.74 7.24
CA ARG A 110 -6.26 15.91 7.71
C ARG A 110 -6.39 14.71 6.79
N VAL A 111 -6.62 13.54 7.39
CA VAL A 111 -6.83 12.31 6.63
C VAL A 111 -8.34 12.14 6.43
N CYS A 112 -8.79 12.26 5.19
CA CYS A 112 -10.21 12.27 4.86
C CYS A 112 -10.56 11.02 4.07
N PHE A 113 -11.59 10.30 4.52
CA PHE A 113 -11.97 9.02 3.94
C PHE A 113 -13.25 9.09 3.13
N GLY A 114 -13.64 10.29 2.68
CA GLY A 114 -14.84 10.43 1.88
C GLY A 114 -15.04 11.88 1.49
N GLU A 115 -16.03 12.10 0.61
CA GLU A 115 -16.25 13.43 0.05
C GLU A 115 -16.65 14.43 1.12
N GLU A 116 -17.58 14.06 1.99
CA GLU A 116 -18.01 14.96 3.05
C GLU A 116 -16.85 15.32 3.98
N ALA A 117 -15.92 14.39 4.20
CA ALA A 117 -14.77 14.66 5.06
C ALA A 117 -13.79 15.63 4.41
N ILE A 118 -13.66 15.58 3.08
CA ILE A 118 -12.75 16.49 2.39
C ILE A 118 -13.17 17.94 2.59
N PHE A 119 -14.44 18.25 2.29
CA PHE A 119 -14.92 19.61 2.43
C PHE A 119 -14.97 20.04 3.89
N ALA A 120 -15.18 19.10 4.81
CA ALA A 120 -15.11 19.43 6.23
C ALA A 120 -13.71 19.89 6.62
N ALA A 121 -12.68 19.18 6.13
CA ALA A 121 -11.31 19.57 6.43
C ALA A 121 -10.93 20.86 5.71
N ILE A 122 -11.37 21.02 4.47
CA ILE A 122 -11.09 22.25 3.73
C ILE A 122 -11.58 23.46 4.51
N ALA A 123 -12.76 23.35 5.12
CA ALA A 123 -13.30 24.47 5.89
C ALA A 123 -12.53 24.67 7.20
N GLU A 124 -12.01 23.59 7.78
CA GLU A 124 -11.40 23.71 9.10
C GLU A 124 -10.06 24.43 9.03
N ILE A 125 -9.28 24.24 7.96
CA ILE A 125 -7.94 24.80 7.87
C ILE A 125 -7.89 26.05 7.00
N GLY A 126 -8.73 26.17 5.97
CA GLY A 126 -8.78 27.37 5.15
C GLY A 126 -8.35 27.11 3.72
N TYR A 127 -8.19 28.19 2.98
CA TYR A 127 -7.64 28.12 1.62
C TYR A 127 -6.30 28.83 1.60
N PRO A 128 -5.39 28.38 0.73
CA PRO A 128 -5.56 27.24 -0.18
C PRO A 128 -5.22 25.91 0.48
N VAL A 129 -5.73 24.81 -0.06
CA VAL A 129 -5.35 23.48 0.36
C VAL A 129 -4.82 22.71 -0.84
N VAL A 130 -4.30 21.52 -0.55
CA VAL A 130 -3.76 20.63 -1.58
C VAL A 130 -4.30 19.23 -1.31
N LEU A 131 -4.57 18.49 -2.38
CA LEU A 131 -5.13 17.15 -2.29
C LEU A 131 -4.08 16.13 -2.73
N LYS A 132 -3.71 15.25 -1.80
CA LYS A 132 -2.68 14.24 -2.02
C LYS A 132 -3.27 12.86 -1.76
N SER A 133 -3.13 11.98 -2.75
CA SER A 133 -3.48 10.58 -2.53
C SER A 133 -2.59 9.98 -1.45
N LEU A 134 -3.12 8.97 -0.75
CA LEU A 134 -2.39 8.40 0.39
C LEU A 134 -1.03 7.85 -0.03
N THR A 135 -0.96 7.20 -1.18
CA THR A 135 0.30 6.73 -1.73
C THR A 135 0.57 7.41 -3.07
N VAL A 136 1.85 7.54 -3.42
CA VAL A 136 2.23 8.27 -4.62
C VAL A 136 1.69 7.54 -5.84
N ASP A 137 0.84 8.23 -6.60
CA ASP A 137 0.17 7.65 -7.75
C ASP A 137 0.29 8.61 -8.91
N PRO A 138 0.90 8.20 -10.03
CA PRO A 138 1.00 9.13 -11.17
C PRO A 138 -0.32 9.41 -11.84
N GLY A 139 -1.35 8.58 -11.63
CA GLY A 139 -2.69 8.84 -12.12
C GLY A 139 -3.52 9.75 -11.27
N PHE A 140 -3.00 10.18 -10.13
CA PHE A 140 -3.67 11.14 -9.24
C PHE A 140 -2.60 12.10 -8.75
N PRO A 141 -2.16 13.03 -9.58
CA PRO A 141 -1.12 13.97 -9.16
C PRO A 141 -1.63 14.92 -8.08
N VAL A 142 -0.69 15.57 -7.40
CA VAL A 142 -1.04 16.50 -6.34
C VAL A 142 -1.89 17.62 -6.91
N ALA A 143 -3.02 17.89 -6.25
CA ALA A 143 -4.02 18.82 -6.75
C ALA A 143 -4.11 20.03 -5.83
N LEU A 144 -3.85 21.21 -6.39
CA LEU A 144 -3.98 22.47 -5.66
C LEU A 144 -5.42 22.96 -5.76
N VAL A 145 -5.99 23.35 -4.63
CA VAL A 145 -7.36 23.83 -4.55
C VAL A 145 -7.31 25.26 -4.02
N GLU A 146 -7.64 26.22 -4.88
CA GLU A 146 -7.61 27.64 -4.52
C GLU A 146 -8.93 28.11 -3.91
N ASP A 147 -10.06 27.66 -4.47
CA ASP A 147 -11.37 28.11 -4.02
C ASP A 147 -12.33 26.93 -4.00
N GLN A 148 -13.52 27.16 -3.46
CA GLN A 148 -14.55 26.13 -3.39
C GLN A 148 -15.01 25.67 -4.77
N ASP A 149 -14.68 26.40 -5.83
CA ASP A 149 -15.00 25.95 -7.18
C ASP A 149 -14.07 24.84 -7.61
N ALA A 150 -12.76 25.05 -7.49
CA ALA A 150 -11.79 24.01 -7.83
C ALA A 150 -11.88 22.83 -6.87
N ALA A 151 -12.36 23.06 -5.66
CA ALA A 151 -12.55 21.96 -4.70
C ALA A 151 -13.57 20.96 -5.24
N GLU A 152 -14.78 21.44 -5.52
CA GLU A 152 -15.84 20.55 -5.99
C GLU A 152 -15.57 19.99 -7.38
N ALA A 153 -14.66 20.59 -8.14
CA ALA A 153 -14.35 20.09 -9.48
C ALA A 153 -13.45 18.87 -9.41
N ILE A 154 -12.40 18.92 -8.58
CA ILE A 154 -11.46 17.80 -8.51
C ILE A 154 -12.06 16.63 -7.72
N VAL A 155 -12.96 16.92 -6.78
CA VAL A 155 -13.64 15.84 -6.05
C VAL A 155 -14.46 14.99 -6.99
N GLU A 156 -15.21 15.63 -7.90
CA GLU A 156 -15.97 14.88 -8.89
C GLU A 156 -15.04 14.18 -9.88
N HIS A 157 -13.88 14.76 -10.17
CA HIS A 157 -12.95 14.16 -11.12
C HIS A 157 -12.45 12.82 -10.65
N ARG A 158 -12.13 12.70 -9.35
CA ARG A 158 -11.56 11.45 -8.84
C ARG A 158 -12.59 10.33 -8.85
N ILE A 159 -13.86 10.64 -8.59
CA ILE A 159 -14.91 9.63 -8.52
C ILE A 159 -15.32 9.19 -9.92
N MSE A 160 -14.33 8.99 -10.80
CA MSE A 160 -14.57 8.53 -12.16
C MSE A 160 -13.47 7.58 -12.59
O MSE A 160 -12.32 7.70 -12.16
CB MSE A 160 -14.67 9.71 -13.14
CG MSE A 160 -15.88 10.61 -12.92
SE MSE A 160 -16.03 12.02 -14.25
CE MSE A 160 -17.60 12.95 -13.53
N GLU A 164 -10.53 4.87 -5.41
CA GLU A 164 -9.77 5.83 -4.63
C GLU A 164 -10.70 6.81 -3.93
N ARG A 165 -11.01 6.54 -2.67
CA ARG A 165 -11.97 7.34 -1.89
C ARG A 165 -11.36 7.75 -0.56
N ALA A 166 -10.10 8.19 -0.58
CA ALA A 166 -9.44 8.69 0.62
C ALA A 166 -8.26 9.53 0.20
N VAL A 167 -8.16 10.73 0.76
CA VAL A 167 -7.10 11.67 0.40
C VAL A 167 -6.62 12.38 1.66
N LEU A 168 -5.38 12.85 1.60
CA LEU A 168 -4.87 13.83 2.55
C LEU A 168 -5.27 15.22 2.07
N VAL A 169 -5.90 15.99 2.96
CA VAL A 169 -6.12 17.41 2.74
C VAL A 169 -5.05 18.15 3.52
N GLN A 170 -4.27 18.96 2.82
CA GLN A 170 -3.09 19.57 3.40
C GLN A 170 -3.08 21.06 3.10
N GLN A 171 -2.76 21.87 4.11
CA GLN A 171 -2.63 23.30 3.93
C GLN A 171 -1.47 23.61 2.97
N PHE A 172 -1.80 24.23 1.85
CA PHE A 172 -0.80 24.61 0.86
C PHE A 172 -0.08 25.88 1.32
N ILE A 173 1.24 25.84 1.32
CA ILE A 173 2.07 26.95 1.77
C ILE A 173 2.68 27.61 0.54
N PRO A 174 2.43 28.88 0.27
CA PRO A 174 3.07 29.55 -0.87
C PRO A 174 4.53 29.84 -0.58
N ALA A 175 5.25 30.20 -1.65
CA ALA A 175 6.68 30.47 -1.53
C ALA A 175 7.10 31.40 -2.66
N ARG A 176 8.05 32.28 -2.37
CA ARG A 176 8.58 33.23 -3.35
C ARG A 176 9.60 32.55 -4.25
N GLY A 178 11.97 30.51 -5.12
CA GLY A 178 12.81 31.33 -4.26
C GLY A 178 13.06 30.71 -2.91
N GLN A 179 12.07 30.78 -2.02
CA GLN A 179 12.17 30.23 -0.68
C GLN A 179 11.67 28.79 -0.59
N SER A 180 11.47 28.12 -1.72
CA SER A 180 11.13 26.70 -1.76
C SER A 180 12.39 25.93 -2.15
N VAL A 181 12.93 25.17 -1.21
CA VAL A 181 14.25 24.58 -1.36
C VAL A 181 14.13 23.06 -1.47
N ARG A 182 15.26 22.43 -1.80
CA ARG A 182 15.34 20.99 -2.02
C ARG A 182 16.61 20.48 -1.36
N LEU A 183 16.46 19.54 -0.42
CA LEU A 183 17.61 18.89 0.21
C LEU A 183 17.93 17.61 -0.56
N VAL A 184 19.15 17.53 -1.08
CA VAL A 184 19.57 16.42 -1.92
C VAL A 184 20.41 15.47 -1.07
N VAL A 185 19.86 14.30 -0.77
CA VAL A 185 20.58 13.26 -0.02
C VAL A 185 21.06 12.22 -1.03
N ALA A 186 22.39 12.08 -1.17
CA ALA A 186 22.98 11.18 -2.15
C ALA A 186 23.74 10.08 -1.40
N GLY A 187 22.99 9.12 -0.87
CA GLY A 187 23.62 8.05 -0.12
C GLY A 187 23.55 8.28 1.37
N ARG A 188 24.70 8.55 1.99
CA ARG A 188 24.75 8.64 3.45
C ARG A 188 24.77 10.06 3.98
N SER A 189 24.87 11.07 3.13
CA SER A 189 24.92 12.44 3.62
C SER A 189 24.23 13.38 2.63
N LEU A 190 24.05 14.62 3.08
CA LEU A 190 23.49 15.70 2.27
C LEU A 190 24.50 16.14 1.21
N ALA A 191 24.10 16.04 -0.06
CA ALA A 191 25.02 16.41 -1.14
C ALA A 191 24.99 17.89 -1.45
N GLY A 192 23.85 18.53 -1.28
CA GLY A 192 23.74 19.96 -1.55
C GLY A 192 22.32 20.40 -1.30
N ILE A 193 22.14 21.71 -1.35
CA ILE A 193 20.82 22.32 -1.22
C ILE A 193 20.56 23.13 -2.47
N GLU A 194 19.35 23.00 -3.01
CA GLU A 194 18.93 23.74 -4.18
C GLU A 194 17.63 24.47 -3.88
N GLN A 195 17.34 25.47 -4.69
CA GLN A 195 16.11 26.25 -4.55
C GLN A 195 15.42 26.35 -5.91
N ARG A 196 14.11 26.54 -5.86
CA ARG A 196 13.31 26.53 -7.08
C ARG A 196 13.50 27.82 -7.86
N THR A 197 13.79 27.67 -9.16
CA THR A 197 13.99 28.80 -10.06
C THR A 197 12.71 29.59 -10.25
N TYR A 209 15.32 24.09 -10.72
CA TYR A 209 16.13 24.12 -9.51
C TYR A 209 17.52 24.74 -9.73
N GLU A 210 17.93 25.62 -8.82
CA GLU A 210 19.25 26.25 -8.85
C GLU A 210 19.85 26.20 -7.44
N ALA A 211 21.13 26.57 -7.36
CA ALA A 211 21.85 26.51 -6.09
C ALA A 211 21.21 27.43 -5.05
N TYR A 212 21.14 26.93 -3.82
CA TYR A 212 20.53 27.68 -2.73
C TYR A 212 21.40 28.88 -2.34
N THR A 213 20.76 30.04 -2.21
CA THR A 213 21.49 31.29 -1.99
C THR A 213 21.33 31.86 -0.59
N GLY A 214 20.54 31.23 0.28
CA GLY A 214 20.41 31.66 1.65
C GLY A 214 21.58 31.21 2.50
N ASP A 215 21.32 31.03 3.80
CA ASP A 215 22.30 30.42 4.68
C ASP A 215 21.94 28.97 4.89
N PRO A 216 22.84 28.02 4.60
CA PRO A 216 22.49 26.60 4.69
C PRO A 216 22.35 26.08 6.10
N ALA A 217 22.63 26.90 7.12
CA ALA A 217 22.77 26.37 8.48
C ALA A 217 21.51 25.67 8.99
N PRO A 218 20.34 26.31 9.04
CA PRO A 218 19.17 25.60 9.58
C PRO A 218 18.73 24.43 8.73
N LEU A 219 18.95 24.49 7.41
CA LEU A 219 18.56 23.38 6.54
C LEU A 219 19.52 22.20 6.66
N THR A 220 20.79 22.48 6.99
CA THR A 220 21.75 21.41 7.21
C THR A 220 21.43 20.63 8.48
N ALA A 221 21.00 21.33 9.53
CA ALA A 221 20.57 20.66 10.76
C ALA A 221 19.28 19.89 10.54
N LEU A 222 18.38 20.44 9.71
CA LEU A 222 17.15 19.73 9.39
C LEU A 222 17.42 18.50 8.54
N ALA A 223 18.32 18.63 7.56
CA ALA A 223 18.66 17.49 6.72
C ALA A 223 19.17 16.33 7.56
N GLU A 224 19.99 16.61 8.58
CA GLU A 224 20.50 15.55 9.42
C GLU A 224 19.37 14.84 10.16
N ARG A 225 18.36 15.58 10.62
CA ARG A 225 17.23 14.95 11.28
C ARG A 225 16.38 14.14 10.31
N ILE A 226 16.24 14.63 9.07
CA ILE A 226 15.48 13.90 8.05
C ILE A 226 16.15 12.56 7.76
N ILE A 227 17.47 12.58 7.53
CA ILE A 227 18.21 11.36 7.21
C ILE A 227 18.06 10.33 8.32
N GLU A 228 18.05 10.79 9.58
CA GLU A 228 17.87 9.87 10.70
C GLU A 228 16.50 9.19 10.65
N ARG A 229 15.48 9.88 10.14
CA ARG A 229 14.13 9.33 10.13
C ARG A 229 13.87 8.45 8.92
N LEU A 230 14.25 8.91 7.72
CA LEU A 230 14.02 8.14 6.51
C LEU A 230 15.07 7.07 6.29
N GLY A 231 16.24 7.19 6.92
CA GLY A 231 17.37 6.35 6.62
C GLY A 231 18.20 6.92 5.48
N THR A 232 19.38 6.34 5.31
CA THR A 232 20.22 6.77 4.20
C THR A 232 19.68 6.22 2.88
N GLY A 233 19.90 6.98 1.83
CA GLY A 233 19.39 6.61 0.51
C GLY A 233 19.64 7.74 -0.47
N THR A 234 18.98 7.64 -1.61
CA THR A 234 19.02 8.66 -2.65
C THR A 234 17.63 9.27 -2.75
N TYR A 235 17.47 10.50 -2.27
CA TYR A 235 16.17 11.14 -2.30
C TYR A 235 16.32 12.64 -2.15
N ALA A 236 15.23 13.35 -2.44
CA ALA A 236 15.17 14.79 -2.37
C ALA A 236 14.02 15.19 -1.45
N VAL A 237 14.27 16.12 -0.55
CA VAL A 237 13.29 16.60 0.41
C VAL A 237 12.82 17.98 -0.04
N GLU A 238 11.52 18.12 -0.28
CA GLU A 238 10.96 19.42 -0.61
C GLU A 238 10.68 20.18 0.67
N VAL A 239 11.29 21.36 0.81
CA VAL A 239 11.16 22.18 2.01
C VAL A 239 10.73 23.58 1.59
N VAL A 240 9.83 24.18 2.36
CA VAL A 240 9.42 25.57 2.18
C VAL A 240 9.86 26.35 3.42
N GLU A 241 10.68 27.37 3.22
CA GLU A 241 11.21 28.18 4.32
C GLU A 241 10.24 29.32 4.59
N THR A 242 9.52 29.23 5.70
CA THR A 242 8.52 30.22 6.07
C THR A 242 9.05 31.09 7.21
N GLY A 243 8.23 32.06 7.62
CA GLY A 243 8.64 32.96 8.68
C GLY A 243 8.90 32.25 9.99
N ASP A 244 8.02 31.32 10.36
CA ASP A 244 8.22 30.56 11.60
C ASP A 244 9.41 29.61 11.49
N GLY A 245 9.72 29.15 10.28
CA GLY A 245 10.80 28.23 10.08
C GLY A 245 10.58 27.34 8.89
N PRO A 246 11.44 26.33 8.72
CA PRO A 246 11.30 25.42 7.57
C PRO A 246 10.22 24.38 7.82
N VAL A 247 9.45 24.09 6.76
CA VAL A 247 8.41 23.10 6.79
C VAL A 247 8.68 22.10 5.66
N VAL A 248 8.57 20.80 5.99
CA VAL A 248 8.84 19.73 5.02
C VAL A 248 7.54 19.37 4.32
N VAL A 249 7.52 19.51 3.00
CA VAL A 249 6.32 19.23 2.22
C VAL A 249 6.29 17.77 1.77
N GLY A 250 7.37 17.27 1.22
CA GLY A 250 7.39 15.90 0.72
C GLY A 250 8.81 15.44 0.45
N VAL A 251 8.93 14.14 0.17
CA VAL A 251 10.21 13.52 -0.15
C VAL A 251 10.01 12.60 -1.34
N ALA A 252 10.96 12.62 -2.29
CA ALA A 252 10.87 11.85 -3.52
C ALA A 252 12.21 11.23 -3.84
N ASN A 253 12.20 10.21 -4.68
CA ASN A 253 13.44 9.58 -5.13
C ASN A 253 14.29 10.57 -5.94
N LEU A 254 15.60 10.44 -5.81
CA LEU A 254 16.53 11.36 -6.47
C LEU A 254 16.63 10.99 -7.94
N VAL A 255 15.60 11.36 -8.69
CA VAL A 255 15.58 11.04 -10.12
C VAL A 255 16.49 11.99 -10.89
N ASP A 256 16.46 13.28 -10.57
CA ASP A 256 17.23 14.30 -11.28
C ASP A 256 18.35 14.81 -10.40
N PHE A 257 19.58 14.79 -10.93
CA PHE A 257 20.69 15.49 -10.29
C PHE A 257 21.69 16.05 -11.30
N ARG A 258 21.25 16.30 -12.53
CA ARG A 258 22.14 16.76 -13.60
C ARG A 258 22.87 18.05 -13.21
N SER A 259 22.13 19.06 -12.76
CA SER A 259 22.74 20.37 -12.54
C SER A 259 23.72 20.32 -11.38
N LEU A 260 23.40 19.56 -10.33
CA LEU A 260 24.30 19.44 -9.19
C LEU A 260 25.64 18.83 -9.60
N SER A 261 25.61 17.82 -10.47
CA SER A 261 26.86 17.29 -11.01
C SER A 261 27.60 18.35 -11.81
N GLY A 262 26.86 19.19 -12.55
CA GLY A 262 27.48 20.26 -13.31
C GLY A 262 28.30 21.21 -12.45
N ARG A 263 27.83 21.48 -11.23
CA ARG A 263 28.55 22.32 -10.28
C ARG A 263 29.69 21.59 -9.58
N GLY A 264 30.03 20.37 -10.02
CA GLY A 264 31.14 19.67 -9.43
C GLY A 264 30.83 18.90 -8.17
N VAL A 265 29.57 18.49 -7.99
CA VAL A 265 29.18 17.66 -6.86
C VAL A 265 28.95 16.26 -7.41
N ASP A 266 29.82 15.32 -7.03
CA ASP A 266 29.82 13.98 -7.63
C ASP A 266 28.70 13.14 -7.00
N VAL A 267 27.46 13.49 -7.38
CA VAL A 267 26.30 12.79 -6.85
C VAL A 267 26.32 11.33 -7.27
N ALA A 268 26.56 11.07 -8.56
CA ALA A 268 26.63 9.69 -9.03
C ALA A 268 27.72 8.92 -8.30
N GLY A 269 28.84 9.59 -8.01
CA GLY A 269 29.92 8.91 -7.29
C GLY A 269 29.55 8.57 -5.86
N MSE A 270 28.87 9.47 -5.17
CA MSE A 270 28.44 9.21 -3.81
C MSE A 270 27.39 8.11 -3.77
O MSE A 270 27.43 7.25 -2.89
CB MSE A 270 27.90 10.49 -3.16
CG MSE A 270 28.95 11.58 -3.04
SE MSE A 270 28.18 13.31 -2.59
CE MSE A 270 27.74 12.97 -0.71
N ILE A 271 26.48 8.14 -4.74
CA ILE A 271 25.47 7.09 -4.84
C ILE A 271 26.13 5.74 -5.08
N ALA A 272 27.11 5.68 -5.99
CA ALA A 272 27.80 4.43 -6.27
C ALA A 272 28.48 3.87 -5.02
N ASP A 273 29.24 4.73 -4.32
CA ASP A 273 29.86 4.30 -3.07
C ASP A 273 28.82 3.84 -2.07
N PHE A 274 27.64 4.46 -2.06
CA PHE A 274 26.57 4.02 -1.15
C PHE A 274 26.02 2.67 -1.56
N VAL A 275 25.94 2.39 -2.87
CA VAL A 275 25.44 1.11 -3.33
C VAL A 275 26.45 0.01 -3.06
N LEU A 276 27.73 0.27 -3.34
CA LEU A 276 28.78 -0.73 -3.18
C LEU A 276 29.21 -0.92 -1.73
N GLY A 277 28.41 -0.49 -0.76
CA GLY A 277 28.71 -0.70 0.64
C GLY A 277 27.49 -1.14 1.43
N ALA B 5 -20.42 3.42 27.27
CA ALA B 5 -19.48 2.70 26.43
C ALA B 5 -20.14 2.24 25.14
N ARG B 6 -19.56 2.64 24.01
CA ARG B 6 -20.15 2.38 22.70
C ARG B 6 -19.13 1.68 21.80
N VAL B 7 -19.61 1.19 20.65
CA VAL B 7 -18.80 0.48 19.68
C VAL B 7 -19.12 1.02 18.30
N ALA B 8 -18.08 1.35 17.53
CA ALA B 8 -18.25 1.91 16.19
C ALA B 8 -18.31 0.81 15.15
N LEU B 9 -19.32 0.87 14.29
CA LEU B 9 -19.49 -0.05 13.15
C LEU B 9 -19.12 0.73 11.89
N LEU B 10 -17.86 0.60 11.47
CA LEU B 10 -17.34 1.29 10.30
C LEU B 10 -18.00 0.75 9.04
N ALA B 11 -19.09 1.39 8.62
CA ALA B 11 -19.85 0.94 7.46
C ALA B 11 -20.56 2.15 6.87
N ASP B 12 -21.09 1.96 5.67
CA ASP B 12 -21.80 3.04 5.01
C ASP B 12 -23.30 3.00 5.25
N ARG B 13 -23.86 1.84 5.56
CA ARG B 13 -25.27 1.69 5.87
C ARG B 13 -25.50 0.35 6.55
N LEU B 14 -26.48 0.32 7.44
CA LEU B 14 -26.79 -0.89 8.20
C LEU B 14 -27.52 -1.88 7.33
N ARG B 15 -26.96 -3.08 7.19
CA ARG B 15 -27.62 -4.21 6.54
C ARG B 15 -27.94 -5.27 7.59
N VAL B 16 -28.26 -6.48 7.12
CA VAL B 16 -28.69 -7.55 8.03
C VAL B 16 -27.58 -7.88 9.03
N GLU B 17 -26.34 -8.02 8.54
CA GLU B 17 -25.23 -8.35 9.44
C GLU B 17 -25.02 -7.24 10.47
N GLU B 18 -25.21 -5.98 10.07
CA GLU B 18 -24.97 -4.86 10.98
C GLU B 18 -25.99 -4.82 12.11
N ARG B 19 -27.25 -5.14 11.82
CA ARG B 19 -28.24 -5.13 12.89
C ARG B 19 -28.12 -6.31 13.83
N LEU B 20 -27.74 -7.49 13.31
CA LEU B 20 -27.41 -8.62 14.18
C LEU B 20 -26.32 -8.26 15.16
N LEU B 21 -25.30 -7.52 14.70
CA LEU B 21 -24.23 -7.10 15.59
C LEU B 21 -24.73 -6.08 16.61
N ILE B 22 -25.66 -5.21 16.22
CA ILE B 22 -26.21 -4.26 17.18
C ILE B 22 -26.97 -4.99 18.28
N GLU B 23 -27.63 -6.10 17.95
CA GLU B 23 -28.26 -6.92 18.98
C GLU B 23 -27.21 -7.55 19.90
N ALA B 24 -26.18 -8.17 19.30
CA ALA B 24 -25.18 -8.88 20.10
C ALA B 24 -24.40 -7.91 20.98
N PHE B 25 -24.10 -6.72 20.48
CA PHE B 25 -23.42 -5.71 21.29
C PHE B 25 -24.34 -5.16 22.37
N ALA B 26 -25.62 -4.96 22.05
CA ALA B 26 -26.58 -4.52 23.06
C ALA B 26 -26.78 -5.58 24.13
N ALA B 27 -26.83 -6.86 23.71
CA ALA B 27 -26.93 -7.95 24.67
C ALA B 27 -25.74 -8.03 25.60
N ARG B 28 -24.59 -7.50 25.18
CA ARG B 28 -23.37 -7.52 26.00
C ARG B 28 -23.08 -6.17 26.64
N GLY B 29 -24.06 -5.26 26.64
CA GLY B 29 -23.93 -4.03 27.38
C GLY B 29 -23.24 -2.88 26.68
N HIS B 30 -23.25 -2.86 25.34
CA HIS B 30 -22.59 -1.80 24.59
C HIS B 30 -23.50 -1.35 23.45
N GLU B 31 -23.52 -0.06 23.19
CA GLU B 31 -24.35 0.51 22.12
C GLU B 31 -23.52 0.58 20.85
N ALA B 32 -23.78 -0.33 19.93
CA ALA B 32 -23.15 -0.26 18.61
C ALA B 32 -23.74 0.91 17.84
N VAL B 33 -22.88 1.60 17.08
CA VAL B 33 -23.27 2.82 16.38
C VAL B 33 -22.71 2.76 14.96
N LEU B 34 -23.55 3.06 13.98
CA LEU B 34 -23.06 3.20 12.62
C LEU B 34 -22.16 4.43 12.52
N VAL B 35 -20.93 4.24 12.06
CA VAL B 35 -19.99 5.33 11.82
C VAL B 35 -19.58 5.24 10.36
N GLN B 36 -20.04 6.20 9.56
CA GLN B 36 -19.74 6.20 8.14
C GLN B 36 -18.34 6.76 7.91
N PRO B 37 -17.43 5.99 7.31
CA PRO B 37 -16.07 6.52 7.08
C PRO B 37 -16.04 7.68 6.10
N ALA B 38 -17.05 7.84 5.24
CA ALA B 38 -17.06 8.94 4.29
C ALA B 38 -17.05 10.30 4.98
N LYS B 39 -17.48 10.38 6.24
CA LYS B 39 -17.53 11.62 6.97
C LYS B 39 -16.37 11.78 7.95
N LEU B 40 -15.35 10.92 7.86
CA LEU B 40 -14.25 10.91 8.81
C LEU B 40 -13.08 11.72 8.24
N ALA B 41 -12.79 12.85 8.87
CA ALA B 41 -11.61 13.66 8.58
C ALA B 41 -10.73 13.63 9.82
N LEU B 42 -9.78 12.68 9.85
CA LEU B 42 -8.97 12.40 11.03
C LEU B 42 -7.73 13.29 11.07
N SER B 43 -7.35 13.67 12.29
CA SER B 43 -6.15 14.46 12.51
C SER B 43 -5.00 13.54 12.90
N PRO B 44 -3.87 13.57 12.19
CA PRO B 44 -2.78 12.65 12.52
C PRO B 44 -2.21 12.84 13.91
N ALA B 45 -2.24 14.07 14.44
CA ALA B 45 -1.68 14.31 15.76
C ALA B 45 -2.52 13.65 16.86
N ALA B 46 -3.83 13.55 16.65
CA ALA B 46 -4.72 12.88 17.60
C ALA B 46 -5.92 12.32 16.86
N PRO B 47 -5.79 11.16 16.19
CA PRO B 47 -6.91 10.64 15.40
C PRO B 47 -7.97 10.01 16.28
N SER B 48 -9.23 10.26 15.92
CA SER B 48 -10.36 9.71 16.63
C SER B 48 -11.61 9.86 15.77
N ALA B 49 -12.54 8.93 15.94
CA ALA B 49 -13.83 8.97 15.25
C ALA B 49 -14.98 9.17 16.23
N GLY B 50 -14.68 9.61 17.45
CA GLY B 50 -15.66 9.77 18.50
C GLY B 50 -15.33 8.89 19.69
N ASP B 51 -16.15 9.03 20.73
CA ASP B 51 -15.96 8.24 21.95
C ASP B 51 -16.39 6.80 21.70
N PHE B 52 -15.41 5.90 21.58
CA PHE B 52 -15.70 4.50 21.34
C PHE B 52 -14.64 3.65 22.04
N VAL B 53 -15.08 2.53 22.61
CA VAL B 53 -14.13 1.58 23.19
C VAL B 53 -13.54 0.66 22.13
N ALA B 54 -14.15 0.57 20.96
CA ALA B 54 -13.65 -0.27 19.87
C ALA B 54 -14.35 0.13 18.59
N ALA B 55 -13.72 -0.22 17.47
CA ALA B 55 -14.30 -0.04 16.14
C ALA B 55 -14.25 -1.37 15.40
N LEU B 56 -15.29 -1.66 14.62
CA LEU B 56 -15.36 -2.89 13.86
C LEU B 56 -15.58 -2.53 12.39
N ASP B 57 -14.58 -2.79 11.56
CA ASP B 57 -14.66 -2.44 10.15
C ASP B 57 -15.58 -3.44 9.45
N ARG B 58 -16.72 -2.96 8.97
CA ARG B 58 -17.71 -3.77 8.27
C ARG B 58 -17.65 -3.58 6.77
N GLY B 59 -16.55 -3.02 6.26
CA GLY B 59 -16.40 -2.75 4.85
C GLY B 59 -15.43 -3.72 4.17
N GLU B 60 -15.44 -3.67 2.84
CA GLU B 60 -14.50 -4.42 2.03
C GLU B 60 -13.07 -4.00 2.36
N ALA B 61 -12.17 -4.98 2.44
CA ALA B 61 -10.80 -4.69 2.81
C ALA B 61 -10.07 -3.98 1.68
N THR B 62 -9.59 -2.76 1.94
CA THR B 62 -8.81 -2.01 0.96
C THR B 62 -7.68 -1.29 1.69
N ALA B 63 -6.81 -0.64 0.90
CA ALA B 63 -5.61 -0.04 1.46
C ALA B 63 -5.94 1.06 2.47
N GLU B 64 -6.91 1.92 2.15
CA GLU B 64 -7.20 3.03 3.05
C GLU B 64 -7.93 2.60 4.32
N ARG B 65 -8.57 1.44 4.31
CA ARG B 65 -9.18 0.98 5.55
C ARG B 65 -8.15 0.39 6.50
N ALA B 66 -7.06 -0.18 5.97
CA ALA B 66 -5.92 -0.49 6.82
C ALA B 66 -5.30 0.79 7.37
N VAL B 67 -5.23 1.84 6.54
CA VAL B 67 -4.80 3.16 7.02
C VAL B 67 -5.74 3.65 8.12
N LEU B 68 -7.04 3.43 7.96
CA LEU B 68 -8.02 3.89 8.95
C LEU B 68 -7.87 3.10 10.25
N ALA B 69 -7.66 1.79 10.16
CA ALA B 69 -7.48 0.97 11.35
C ALA B 69 -6.21 1.36 12.10
N ALA B 70 -5.16 1.74 11.37
CA ALA B 70 -3.91 2.11 12.02
C ALA B 70 -4.02 3.47 12.70
N LEU B 71 -4.69 4.41 12.04
CA LEU B 71 -4.88 5.74 12.63
C LEU B 71 -5.72 5.65 13.90
N LEU B 72 -6.88 4.99 13.81
CA LEU B 72 -7.73 4.87 14.98
C LEU B 72 -7.02 4.17 16.12
N ALA B 73 -6.30 3.08 15.82
CA ALA B 73 -5.61 2.34 16.88
C ALA B 73 -4.56 3.20 17.57
N SER B 74 -3.75 3.93 16.80
CA SER B 74 -2.75 4.81 17.39
C SER B 74 -3.36 5.91 18.24
N GLY B 75 -4.60 6.29 17.97
CA GLY B 75 -5.30 7.30 18.73
C GLY B 75 -6.00 6.83 19.98
N GLY B 76 -6.02 5.52 20.23
CA GLY B 76 -6.67 4.96 21.40
C GLY B 76 -7.93 4.18 21.13
N THR B 77 -8.33 3.98 19.86
CA THR B 77 -9.51 3.21 19.53
C THR B 77 -9.10 1.90 18.87
N PRO B 78 -9.14 0.77 19.57
CA PRO B 78 -8.85 -0.51 18.92
C PRO B 78 -9.80 -0.78 17.77
N VAL B 79 -9.27 -1.39 16.71
CA VAL B 79 -10.04 -1.68 15.51
C VAL B 79 -9.94 -3.18 15.20
N VAL B 80 -11.07 -3.78 14.85
CA VAL B 80 -11.12 -5.13 14.30
C VAL B 80 -11.65 -5.02 12.88
N ASN B 81 -10.88 -5.48 11.89
CA ASN B 81 -9.60 -6.14 12.12
C ASN B 81 -8.47 -5.17 12.45
N ARG B 82 -7.52 -5.64 13.25
CA ARG B 82 -6.35 -4.85 13.57
C ARG B 82 -5.61 -4.44 12.29
N ALA B 83 -4.90 -3.32 12.36
CA ALA B 83 -4.32 -2.72 11.17
C ALA B 83 -3.48 -3.73 10.37
N ALA B 84 -2.62 -4.46 11.06
CA ALA B 84 -1.72 -5.39 10.37
C ALA B 84 -2.48 -6.47 9.63
N THR B 85 -3.55 -6.99 10.24
CA THR B 85 -4.38 -7.98 9.56
C THR B 85 -5.15 -7.34 8.40
N ALA B 86 -5.71 -6.15 8.62
CA ALA B 86 -6.36 -5.42 7.54
C ALA B 86 -5.41 -5.17 6.38
N ARG B 87 -4.12 -4.99 6.67
CA ARG B 87 -3.15 -4.83 5.58
C ARG B 87 -3.01 -6.12 4.78
N LEU B 88 -3.02 -7.27 5.46
CA LEU B 88 -2.92 -8.55 4.74
C LEU B 88 -4.16 -8.82 3.90
N LEU B 89 -5.33 -8.36 4.34
CA LEU B 89 -6.53 -8.51 3.51
C LEU B 89 -6.51 -7.55 2.33
N ALA B 90 -5.89 -6.39 2.49
CA ALA B 90 -5.87 -5.37 1.44
C ALA B 90 -4.75 -5.56 0.45
N ASP B 91 -3.67 -6.24 0.85
CA ASP B 91 -2.45 -6.34 0.06
C ASP B 91 -2.26 -7.81 -0.32
N ARG B 92 -2.58 -8.14 -1.58
CA ARG B 92 -2.39 -9.52 -2.04
C ARG B 92 -0.93 -9.93 -1.99
N MSE B 93 -0.01 -8.99 -2.20
CA MSE B 93 1.41 -9.30 -2.19
C MSE B 93 1.90 -9.65 -0.78
O MSE B 93 2.62 -10.64 -0.59
CB MSE B 93 2.21 -8.11 -2.73
CG MSE B 93 3.71 -8.34 -2.72
SE MSE B 93 4.27 -9.71 -3.99
CE MSE B 93 4.90 -11.10 -2.75
N ALA B 94 1.50 -8.84 0.20
CA ALA B 94 1.91 -9.12 1.57
C ALA B 94 1.27 -10.41 2.09
N LEU B 95 0.01 -10.64 1.74
CA LEU B 95 -0.65 -11.90 2.12
C LEU B 95 0.04 -13.08 1.46
N LEU B 96 0.41 -12.94 0.18
CA LEU B 96 1.07 -14.02 -0.53
C LEU B 96 2.39 -14.39 0.12
N ARG B 97 3.21 -13.38 0.44
N ARG B 97 3.22 -13.39 0.44
CA ARG B 97 4.49 -13.65 1.08
CA ARG B 97 4.50 -13.70 1.08
C ARG B 97 4.29 -14.27 2.47
C ARG B 97 4.30 -14.27 2.47
N HIS B 98 3.25 -13.83 3.19
CA HIS B 98 3.01 -14.35 4.52
C HIS B 98 2.58 -15.81 4.50
N LEU B 99 1.70 -16.17 3.56
CA LEU B 99 1.26 -17.57 3.45
C LEU B 99 2.42 -18.48 3.02
N ILE B 100 3.27 -17.99 2.11
CA ILE B 100 4.43 -18.77 1.69
C ILE B 100 5.35 -19.05 2.86
N LEU B 101 5.69 -18.00 3.62
CA LEU B 101 6.55 -18.19 4.78
C LEU B 101 5.91 -19.07 5.85
N ALA B 102 4.58 -19.15 5.88
CA ALA B 102 3.86 -20.03 6.80
C ALA B 102 3.67 -21.44 6.27
N ASP B 103 4.22 -21.73 5.09
CA ASP B 103 4.10 -23.06 4.46
C ASP B 103 2.64 -23.44 4.23
N ILE B 104 1.83 -22.46 3.85
CA ILE B 104 0.42 -22.69 3.52
C ILE B 104 0.29 -22.70 1.99
N PRO B 105 -0.32 -23.72 1.41
CA PRO B 105 -0.35 -23.83 -0.06
C PRO B 105 -1.14 -22.70 -0.71
N VAL B 106 -0.54 -22.13 -1.76
CA VAL B 106 -1.16 -21.08 -2.56
C VAL B 106 -0.91 -21.41 -4.03
N PRO B 107 -1.71 -20.85 -4.94
CA PRO B 107 -1.49 -21.13 -6.36
C PRO B 107 -0.17 -20.57 -6.84
N GLU B 108 0.34 -21.19 -7.91
CA GLU B 108 1.56 -20.69 -8.54
C GLU B 108 1.35 -19.25 -8.97
N THR B 109 2.27 -18.37 -8.58
CA THR B 109 2.11 -16.94 -8.78
C THR B 109 3.40 -16.33 -9.26
N ARG B 110 3.27 -15.31 -10.11
CA ARG B 110 4.39 -14.47 -10.51
C ARG B 110 4.03 -13.01 -10.29
N VAL B 111 5.00 -12.23 -9.82
CA VAL B 111 4.84 -10.79 -9.64
C VAL B 111 5.43 -10.13 -10.87
N CYS B 112 4.58 -9.50 -11.68
CA CYS B 112 4.96 -8.93 -12.96
C CYS B 112 4.80 -7.42 -12.94
N PHE B 113 5.88 -6.71 -13.27
CA PHE B 113 5.91 -5.26 -13.18
C PHE B 113 5.77 -4.59 -14.54
N GLY B 114 5.36 -5.33 -15.57
CA GLY B 114 5.13 -4.75 -16.88
C GLY B 114 4.46 -5.73 -17.81
N GLU B 115 4.09 -5.22 -18.99
CA GLU B 115 3.33 -6.02 -19.95
C GLU B 115 4.13 -7.23 -20.41
N GLU B 116 5.41 -7.05 -20.74
CA GLU B 116 6.23 -8.16 -21.19
C GLU B 116 6.34 -9.24 -20.12
N ALA B 117 6.57 -8.83 -18.86
CA ALA B 117 6.64 -9.79 -17.76
C ALA B 117 5.33 -10.57 -17.61
N ILE B 118 4.20 -9.90 -17.83
CA ILE B 118 2.91 -10.59 -17.72
C ILE B 118 2.83 -11.74 -18.72
N PHE B 119 3.21 -11.48 -19.97
CA PHE B 119 3.20 -12.55 -20.96
C PHE B 119 4.31 -13.55 -20.71
N ALA B 120 5.42 -13.11 -20.11
CA ALA B 120 6.47 -14.05 -19.73
C ALA B 120 5.99 -15.04 -18.67
N ALA B 121 5.24 -14.54 -17.68
CA ALA B 121 4.69 -15.43 -16.65
C ALA B 121 3.58 -16.30 -17.21
N ILE B 122 2.79 -15.78 -18.14
CA ILE B 122 1.71 -16.56 -18.74
C ILE B 122 2.28 -17.74 -19.54
N ALA B 123 3.42 -17.52 -20.22
CA ALA B 123 4.06 -18.60 -20.94
C ALA B 123 4.57 -19.68 -19.97
N GLU B 124 5.12 -19.27 -18.84
CA GLU B 124 5.69 -20.23 -17.89
C GLU B 124 4.59 -20.98 -17.15
N ILE B 125 3.59 -20.26 -16.64
CA ILE B 125 2.53 -20.91 -15.88
C ILE B 125 1.60 -21.68 -16.80
N GLY B 126 1.29 -21.12 -17.97
CA GLY B 126 0.38 -21.74 -18.90
C GLY B 126 -1.07 -21.40 -18.57
N TYR B 127 -1.91 -21.27 -19.59
CA TYR B 127 -3.32 -20.94 -19.41
C TYR B 127 -4.09 -22.06 -18.69
N PRO B 128 -5.12 -21.69 -17.91
CA PRO B 128 -5.55 -20.31 -17.65
C PRO B 128 -4.85 -19.69 -16.45
N VAL B 129 -4.95 -18.36 -16.33
CA VAL B 129 -4.40 -17.62 -15.19
C VAL B 129 -5.38 -16.51 -14.84
N VAL B 130 -5.14 -15.87 -13.70
CA VAL B 130 -5.90 -14.70 -13.26
C VAL B 130 -4.93 -13.55 -12.99
N LEU B 131 -5.34 -12.34 -13.36
CA LEU B 131 -4.58 -11.14 -13.06
C LEU B 131 -5.17 -10.47 -11.83
N LYS B 132 -4.32 -10.23 -10.84
CA LYS B 132 -4.74 -9.61 -9.58
C LYS B 132 -3.82 -8.43 -9.31
N SER B 133 -4.40 -7.25 -9.14
CA SER B 133 -3.61 -6.11 -8.66
C SER B 133 -3.02 -6.43 -7.29
N LEU B 134 -1.83 -5.87 -7.02
CA LEU B 134 -1.16 -6.14 -5.76
C LEU B 134 -2.00 -5.72 -4.57
N THR B 135 -2.84 -4.70 -4.73
CA THR B 135 -3.73 -4.22 -3.70
C THR B 135 -5.18 -4.40 -4.16
N VAL B 136 -6.03 -4.88 -3.24
CA VAL B 136 -7.43 -5.07 -3.56
C VAL B 136 -8.05 -3.74 -3.95
N ASP B 137 -8.65 -3.70 -5.13
CA ASP B 137 -9.13 -2.47 -5.73
C ASP B 137 -10.38 -2.75 -6.56
N PRO B 138 -11.51 -2.13 -6.22
CA PRO B 138 -12.73 -2.37 -7.02
C PRO B 138 -12.62 -1.93 -8.46
N GLY B 139 -11.79 -0.93 -8.76
CA GLY B 139 -11.55 -0.53 -10.14
C GLY B 139 -10.73 -1.50 -10.96
N PHE B 140 -10.22 -2.57 -10.35
CA PHE B 140 -9.48 -3.62 -11.05
C PHE B 140 -9.87 -4.94 -10.41
N PRO B 141 -11.03 -5.48 -10.77
CA PRO B 141 -11.43 -6.79 -10.24
C PRO B 141 -10.58 -7.90 -10.85
N VAL B 142 -10.58 -9.05 -10.17
CA VAL B 142 -9.81 -10.19 -10.63
C VAL B 142 -10.24 -10.56 -12.04
N ALA B 143 -9.26 -10.84 -12.90
CA ALA B 143 -9.49 -10.98 -14.34
C ALA B 143 -9.05 -12.36 -14.81
N LEU B 144 -9.99 -13.17 -15.26
CA LEU B 144 -9.68 -14.51 -15.76
C LEU B 144 -9.18 -14.43 -17.19
N VAL B 145 -8.13 -15.19 -17.48
CA VAL B 145 -7.44 -15.16 -18.78
C VAL B 145 -7.33 -16.60 -19.25
N GLU B 146 -8.18 -16.98 -20.22
CA GLU B 146 -8.17 -18.35 -20.72
C GLU B 146 -7.19 -18.56 -21.87
N ASP B 147 -6.93 -17.51 -22.66
CA ASP B 147 -6.08 -17.64 -23.84
C ASP B 147 -5.46 -16.28 -24.15
N GLN B 148 -4.63 -16.23 -25.18
CA GLN B 148 -3.89 -15.02 -25.50
C GLN B 148 -4.82 -13.87 -25.89
N ASP B 149 -5.93 -14.17 -26.57
CA ASP B 149 -6.88 -13.12 -26.91
C ASP B 149 -7.45 -12.47 -25.65
N ALA B 150 -7.72 -13.27 -24.62
CA ALA B 150 -8.14 -12.71 -23.34
C ALA B 150 -7.00 -11.94 -22.70
N ALA B 151 -5.76 -12.43 -22.85
CA ALA B 151 -4.61 -11.74 -22.28
C ALA B 151 -4.40 -10.37 -22.92
N GLU B 152 -4.37 -10.33 -24.25
CA GLU B 152 -4.18 -9.07 -24.97
C GLU B 152 -5.30 -8.08 -24.69
N ALA B 153 -6.47 -8.56 -24.26
CA ALA B 153 -7.60 -7.67 -24.01
C ALA B 153 -7.45 -6.95 -22.68
N ILE B 154 -7.15 -7.69 -21.62
CA ILE B 154 -7.06 -7.07 -20.29
C ILE B 154 -5.79 -6.23 -20.19
N VAL B 155 -4.70 -6.69 -20.80
CA VAL B 155 -3.47 -5.90 -20.81
C VAL B 155 -3.68 -4.59 -21.56
N GLU B 156 -4.46 -4.64 -22.63
CA GLU B 156 -4.79 -3.41 -23.36
C GLU B 156 -5.72 -2.52 -22.55
N HIS B 157 -6.65 -3.13 -21.81
CA HIS B 157 -7.60 -2.33 -21.02
C HIS B 157 -6.91 -1.61 -19.87
N ARG B 158 -5.87 -2.20 -19.28
CA ARG B 158 -5.21 -1.57 -18.15
C ARG B 158 -4.23 -0.50 -18.60
N ILE B 159 -3.52 -0.75 -19.70
CA ILE B 159 -2.67 0.29 -20.29
C ILE B 159 -3.50 1.51 -20.65
N MSE B 160 -4.73 1.29 -21.07
CA MSE B 160 -5.62 2.35 -21.52
C MSE B 160 -6.30 3.07 -20.35
O MSE B 160 -6.79 4.19 -20.50
CB MSE B 160 -6.67 1.77 -22.47
CG MSE B 160 -7.47 2.77 -23.27
SE MSE B 160 -8.64 1.83 -24.50
CE MSE B 160 -7.29 0.85 -25.51
N LEU B 161 -6.34 2.42 -19.19
CA LEU B 161 -7.07 2.92 -18.04
C LEU B 161 -6.15 3.51 -16.96
N GLY B 162 -4.92 3.84 -17.31
CA GLY B 162 -4.02 4.44 -16.34
C GLY B 162 -2.64 3.81 -16.30
N GLY B 163 -2.12 3.61 -15.09
CA GLY B 163 -0.77 3.11 -14.94
C GLY B 163 -0.42 2.57 -13.56
N GLU B 164 -1.15 1.56 -13.10
CA GLU B 164 -0.73 0.77 -11.94
C GLU B 164 -0.24 -0.56 -12.48
N ARG B 165 0.99 -0.53 -13.01
CA ARG B 165 1.45 -1.55 -13.94
C ARG B 165 1.57 -2.93 -13.28
N ALA B 166 2.03 -2.99 -12.03
CA ALA B 166 2.34 -4.28 -11.42
C ALA B 166 1.08 -5.07 -11.13
N VAL B 167 1.04 -6.31 -11.60
CA VAL B 167 -0.06 -7.24 -11.30
C VAL B 167 0.54 -8.60 -10.95
N LEU B 168 -0.31 -9.45 -10.36
CA LEU B 168 0.02 -10.84 -10.08
C LEU B 168 -0.57 -11.72 -11.19
N VAL B 169 0.27 -12.55 -11.78
CA VAL B 169 -0.16 -13.56 -12.73
C VAL B 169 -0.22 -14.88 -11.98
N GLN B 170 -1.42 -15.35 -11.68
CA GLN B 170 -1.63 -16.49 -10.79
C GLN B 170 -2.34 -17.61 -11.53
N GLN B 171 -1.86 -18.83 -11.35
CA GLN B 171 -2.48 -19.98 -11.98
C GLN B 171 -3.92 -20.12 -11.51
N PHE B 172 -4.80 -20.51 -12.44
CA PHE B 172 -6.21 -20.69 -12.15
C PHE B 172 -6.49 -22.16 -11.85
N ILE B 173 -7.09 -22.43 -10.71
CA ILE B 173 -7.46 -23.79 -10.31
C ILE B 173 -8.98 -23.87 -10.31
N PRO B 174 -9.62 -24.39 -11.36
CA PRO B 174 -11.08 -24.37 -11.42
C PRO B 174 -11.70 -25.34 -10.42
N ALA B 175 -12.82 -24.92 -9.83
CA ALA B 175 -13.52 -25.70 -8.81
C ALA B 175 -14.91 -26.05 -9.31
N ARG B 176 -15.37 -27.25 -8.98
CA ARG B 176 -16.70 -27.72 -9.37
C ARG B 176 -17.80 -27.13 -8.49
N ALA B 177 -17.74 -25.82 -8.22
CA ALA B 177 -18.71 -25.10 -7.41
C ALA B 177 -18.72 -25.60 -5.96
N GLY B 178 -18.86 -26.92 -5.78
CA GLY B 178 -18.79 -27.52 -4.45
C GLY B 178 -17.41 -27.51 -3.82
N GLN B 179 -16.37 -27.25 -4.61
CA GLN B 179 -15.01 -27.11 -4.10
C GLN B 179 -14.63 -25.64 -3.91
N SER B 180 -15.57 -24.71 -4.11
CA SER B 180 -15.35 -23.29 -3.83
C SER B 180 -15.68 -23.06 -2.36
N VAL B 181 -14.74 -23.44 -1.52
CA VAL B 181 -14.92 -23.44 -0.07
C VAL B 181 -14.58 -22.06 0.49
N ARG B 182 -15.28 -21.67 1.55
CA ARG B 182 -15.08 -20.41 2.24
C ARG B 182 -15.00 -20.69 3.74
N LEU B 183 -13.81 -20.49 4.32
CA LEU B 183 -13.59 -20.72 5.75
C LEU B 183 -13.90 -19.43 6.50
N VAL B 184 -14.93 -19.46 7.34
CA VAL B 184 -15.37 -18.27 8.07
C VAL B 184 -14.71 -18.26 9.44
N VAL B 185 -13.87 -17.26 9.69
CA VAL B 185 -13.22 -17.07 10.98
C VAL B 185 -13.90 -15.88 11.65
N ALA B 186 -14.62 -16.12 12.73
CA ALA B 186 -15.36 -15.09 13.45
C ALA B 186 -14.65 -14.79 14.76
N GLY B 187 -13.48 -14.19 14.65
CA GLY B 187 -12.68 -13.85 15.80
C GLY B 187 -11.61 -14.88 16.11
N ARG B 188 -11.89 -15.74 17.07
CA ARG B 188 -10.90 -16.65 17.63
C ARG B 188 -10.94 -18.05 17.05
N SER B 189 -12.05 -18.46 16.44
CA SER B 189 -12.20 -19.83 15.98
C SER B 189 -12.94 -19.86 14.65
N LEU B 190 -12.91 -21.02 14.02
CA LEU B 190 -13.65 -21.28 12.78
C LEU B 190 -15.14 -21.33 13.09
N ALA B 191 -15.89 -20.35 12.58
CA ALA B 191 -17.33 -20.33 12.82
C ALA B 191 -18.09 -21.28 11.91
N GLY B 192 -17.50 -21.69 10.80
CA GLY B 192 -18.17 -22.60 9.89
C GLY B 192 -17.43 -22.67 8.58
N ILE B 193 -17.81 -23.69 7.82
CA ILE B 193 -17.28 -23.94 6.47
C ILE B 193 -18.45 -23.88 5.50
N GLU B 194 -18.24 -23.21 4.36
CA GLU B 194 -19.28 -23.01 3.38
C GLU B 194 -18.76 -23.32 1.99
N GLN B 195 -19.67 -23.43 1.03
CA GLN B 195 -19.34 -23.67 -0.36
C GLN B 195 -20.25 -22.84 -1.24
N ARG B 196 -19.67 -22.26 -2.30
CA ARG B 196 -20.43 -21.38 -3.17
C ARG B 196 -21.42 -22.16 -4.02
N THR B 197 -22.55 -21.51 -4.33
CA THR B 197 -23.59 -22.07 -5.19
C THR B 197 -23.50 -21.35 -6.54
N HIS B 198 -22.74 -21.94 -7.46
CA HIS B 198 -22.55 -21.35 -8.79
C HIS B 198 -23.79 -21.52 -9.66
N THR B 208 -24.11 -16.21 -1.70
CA THR B 208 -24.63 -17.50 -2.11
C THR B 208 -23.77 -18.63 -1.56
N TYR B 209 -23.70 -18.72 -0.23
CA TYR B 209 -22.85 -19.69 0.45
C TYR B 209 -23.70 -20.73 1.16
N GLU B 210 -23.43 -22.00 0.88
CA GLU B 210 -24.16 -23.14 1.44
C GLU B 210 -23.24 -23.93 2.35
N ALA B 211 -23.84 -24.59 3.35
CA ALA B 211 -23.07 -25.39 4.29
C ALA B 211 -22.29 -26.48 3.56
N TYR B 212 -21.05 -26.71 4.02
CA TYR B 212 -20.16 -27.64 3.35
C TYR B 212 -20.62 -29.08 3.57
N THR B 213 -20.81 -29.82 2.49
CA THR B 213 -21.31 -31.18 2.56
C THR B 213 -20.21 -32.19 2.27
N GLY B 214 -19.10 -32.10 2.99
CA GLY B 214 -17.99 -33.02 2.82
C GLY B 214 -17.29 -33.31 4.13
N ASP B 215 -16.09 -33.85 4.07
CA ASP B 215 -15.31 -34.11 5.27
C ASP B 215 -14.79 -32.79 5.84
N PRO B 216 -15.26 -32.34 7.01
CA PRO B 216 -14.89 -31.00 7.49
C PRO B 216 -13.58 -30.94 8.26
N ALA B 217 -13.02 -32.08 8.68
CA ALA B 217 -11.79 -32.15 9.47
C ALA B 217 -10.57 -31.57 8.76
N PRO B 218 -10.31 -31.91 7.49
CA PRO B 218 -9.12 -31.35 6.83
C PRO B 218 -9.17 -29.84 6.65
N LEU B 219 -10.34 -29.30 6.30
CA LEU B 219 -10.46 -27.85 6.18
C LEU B 219 -10.41 -27.17 7.54
N THR B 220 -10.91 -27.84 8.59
CA THR B 220 -10.78 -27.30 9.94
C THR B 220 -9.32 -27.20 10.35
N ALA B 221 -8.52 -28.22 10.01
CA ALA B 221 -7.09 -28.17 10.32
C ALA B 221 -6.41 -27.02 9.59
N LEU B 222 -6.80 -26.79 8.33
CA LEU B 222 -6.24 -25.68 7.56
C LEU B 222 -6.62 -24.35 8.19
N ALA B 223 -7.89 -24.18 8.56
CA ALA B 223 -8.32 -22.93 9.17
C ALA B 223 -7.62 -22.68 10.50
N GLU B 224 -7.30 -23.76 11.24
CA GLU B 224 -6.64 -23.59 12.53
C GLU B 224 -5.19 -23.16 12.36
N ARG B 225 -4.52 -23.64 11.30
CA ARG B 225 -3.18 -23.14 11.01
C ARG B 225 -3.22 -21.69 10.56
N ILE B 226 -4.21 -21.33 9.76
CA ILE B 226 -4.34 -19.95 9.28
C ILE B 226 -4.53 -19.01 10.46
N ILE B 227 -5.40 -19.36 11.39
CA ILE B 227 -5.60 -18.53 12.58
C ILE B 227 -4.30 -18.44 13.39
N GLU B 228 -3.58 -19.56 13.50
CA GLU B 228 -2.35 -19.58 14.30
C GLU B 228 -1.28 -18.68 13.72
N ARG B 229 -1.13 -18.69 12.39
CA ARG B 229 -0.05 -17.98 11.72
C ARG B 229 -0.45 -16.59 11.23
N LEU B 230 -1.64 -16.46 10.64
CA LEU B 230 -2.10 -15.16 10.16
C LEU B 230 -2.72 -14.32 11.27
N GLY B 231 -3.30 -14.94 12.28
CA GLY B 231 -3.84 -14.23 13.43
C GLY B 231 -5.36 -14.33 13.51
N THR B 232 -5.88 -13.98 14.67
CA THR B 232 -7.31 -13.93 14.90
C THR B 232 -7.91 -12.71 14.22
N GLY B 233 -9.20 -12.79 13.94
CA GLY B 233 -9.92 -11.69 13.33
C GLY B 233 -11.24 -12.16 12.76
N THR B 234 -11.91 -11.23 12.07
CA THR B 234 -13.16 -11.50 11.39
C THR B 234 -12.89 -11.49 9.89
N TYR B 235 -12.72 -12.67 9.31
CA TYR B 235 -12.35 -12.76 7.90
C TYR B 235 -12.81 -14.10 7.34
N ALA B 236 -12.71 -14.22 6.01
CA ALA B 236 -13.12 -15.41 5.29
C ALA B 236 -12.04 -15.82 4.30
N VAL B 237 -11.58 -17.06 4.40
CA VAL B 237 -10.52 -17.59 3.54
C VAL B 237 -11.16 -18.31 2.36
N GLU B 238 -10.90 -17.83 1.15
CA GLU B 238 -11.36 -18.51 -0.05
C GLU B 238 -10.40 -19.66 -0.37
N VAL B 239 -10.93 -20.89 -0.43
CA VAL B 239 -10.12 -22.07 -0.64
C VAL B 239 -10.68 -22.84 -1.83
N VAL B 240 -9.78 -23.51 -2.56
CA VAL B 240 -10.15 -24.38 -3.67
C VAL B 240 -9.57 -25.76 -3.38
N GLU B 241 -10.43 -26.78 -3.36
CA GLU B 241 -9.99 -28.14 -3.10
C GLU B 241 -9.46 -28.78 -4.36
N THR B 242 -8.34 -29.48 -4.24
CA THR B 242 -7.72 -30.18 -5.36
C THR B 242 -7.46 -31.63 -4.98
N GLY B 243 -6.93 -32.39 -5.93
CA GLY B 243 -6.49 -33.74 -5.67
C GLY B 243 -5.19 -33.85 -4.91
N ASP B 244 -4.44 -32.75 -4.83
CA ASP B 244 -3.23 -32.69 -4.04
C ASP B 244 -3.45 -32.10 -2.65
N GLY B 245 -4.59 -31.45 -2.43
CA GLY B 245 -4.88 -30.81 -1.16
C GLY B 245 -5.59 -29.50 -1.37
N PRO B 246 -5.99 -28.84 -0.29
CA PRO B 246 -6.60 -27.51 -0.41
C PRO B 246 -5.55 -26.48 -0.79
N VAL B 247 -6.02 -25.39 -1.41
CA VAL B 247 -5.14 -24.30 -1.84
C VAL B 247 -5.83 -22.99 -1.50
N VAL B 248 -5.12 -22.11 -0.80
CA VAL B 248 -5.69 -20.82 -0.39
C VAL B 248 -5.54 -19.82 -1.54
N VAL B 249 -6.66 -19.22 -1.95
CA VAL B 249 -6.67 -18.31 -3.09
C VAL B 249 -6.70 -16.86 -2.63
N GLY B 250 -7.34 -16.59 -1.50
CA GLY B 250 -7.40 -15.23 -0.98
C GLY B 250 -8.03 -15.20 0.39
N VAL B 251 -7.98 -14.03 1.02
CA VAL B 251 -8.63 -13.78 2.29
C VAL B 251 -9.28 -12.41 2.23
N ALA B 252 -10.49 -12.29 2.78
CA ALA B 252 -11.24 -11.04 2.74
C ALA B 252 -11.87 -10.78 4.11
N ASN B 253 -12.36 -9.56 4.29
CA ASN B 253 -13.07 -9.22 5.52
C ASN B 253 -14.39 -9.96 5.59
N LEU B 254 -14.78 -10.33 6.81
CA LEU B 254 -16.05 -11.05 7.02
C LEU B 254 -17.20 -10.04 6.90
N VAL B 255 -17.60 -9.79 5.66
CA VAL B 255 -18.68 -8.85 5.39
C VAL B 255 -20.04 -9.57 5.36
N ASP B 256 -20.11 -10.71 4.70
CA ASP B 256 -21.34 -11.49 4.59
C ASP B 256 -21.24 -12.69 5.51
N PHE B 257 -21.94 -12.64 6.64
CA PHE B 257 -22.20 -13.83 7.44
C PHE B 257 -23.70 -14.07 7.60
N ARG B 258 -24.47 -13.65 6.58
CA ARG B 258 -25.91 -13.85 6.59
C ARG B 258 -26.28 -15.32 6.57
N SER B 259 -25.74 -16.06 5.60
CA SER B 259 -26.10 -17.46 5.43
C SER B 259 -25.72 -18.29 6.65
N LEU B 260 -24.55 -18.04 7.23
CA LEU B 260 -24.10 -18.83 8.36
C LEU B 260 -24.93 -18.54 9.60
N SER B 261 -25.31 -17.28 9.82
CA SER B 261 -26.23 -16.94 10.90
C SER B 261 -27.58 -17.61 10.72
N GLY B 262 -27.97 -17.91 9.48
CA GLY B 262 -29.25 -18.55 9.24
C GLY B 262 -29.31 -19.95 9.82
N ARG B 263 -28.19 -20.67 9.81
CA ARG B 263 -28.14 -22.03 10.34
C ARG B 263 -27.84 -22.07 11.84
N GLY B 264 -28.25 -21.05 12.59
CA GLY B 264 -28.10 -21.04 14.02
C GLY B 264 -26.72 -20.76 14.54
N VAL B 265 -25.72 -20.61 13.67
CA VAL B 265 -24.39 -20.25 14.13
C VAL B 265 -24.39 -18.80 14.55
N ASP B 266 -24.12 -18.54 15.83
CA ASP B 266 -24.18 -17.19 16.40
C ASP B 266 -22.93 -16.41 15.99
N VAL B 267 -22.83 -16.13 14.69
CA VAL B 267 -21.63 -15.44 14.17
C VAL B 267 -21.50 -14.06 14.78
N ALA B 268 -22.61 -13.32 14.86
CA ALA B 268 -22.57 -11.97 15.42
C ALA B 268 -22.16 -12.00 16.90
N GLY B 269 -22.60 -13.03 17.63
CA GLY B 269 -22.22 -13.13 19.03
C GLY B 269 -20.73 -13.35 19.20
N MSE B 270 -20.15 -14.24 18.40
CA MSE B 270 -18.72 -14.51 18.45
C MSE B 270 -17.90 -13.26 18.13
O MSE B 270 -16.87 -13.00 18.75
CB MSE B 270 -18.36 -15.63 17.47
CG MSE B 270 -19.11 -16.92 17.73
SE MSE B 270 -18.80 -18.22 16.32
CE MSE B 270 -16.85 -18.43 16.54
N ILE B 271 -18.36 -12.50 17.13
CA ILE B 271 -17.68 -11.27 16.76
C ILE B 271 -17.74 -10.25 17.88
N ALA B 272 -18.93 -10.09 18.48
CA ALA B 272 -19.07 -9.17 19.60
C ALA B 272 -18.20 -9.60 20.78
N ASP B 273 -18.04 -10.91 21.00
CA ASP B 273 -17.14 -11.38 22.03
C ASP B 273 -15.69 -11.07 21.68
N PHE B 274 -15.30 -11.29 20.42
CA PHE B 274 -13.92 -11.02 20.03
C PHE B 274 -13.57 -9.54 20.12
N VAL B 275 -14.57 -8.65 19.95
CA VAL B 275 -14.30 -7.22 19.96
C VAL B 275 -14.11 -6.70 21.39
N LEU B 276 -14.88 -7.22 22.33
CA LEU B 276 -14.84 -6.78 23.72
C LEU B 276 -14.21 -7.89 24.56
N GLY B 277 -13.11 -7.58 25.22
CA GLY B 277 -12.45 -8.58 26.06
C GLY B 277 -11.48 -7.98 27.06
C1 GOL C . 4.37 -21.54 -4.24
O1 GOL C . 3.34 -22.08 -5.05
C2 GOL C . 4.76 -20.16 -4.76
O2 GOL C . 6.15 -20.07 -4.96
C3 GOL C . 4.02 -19.88 -6.07
O3 GOL C . 4.38 -18.60 -6.56
#